data_9ANT
#
_entry.id   9ANT
#
_cell.length_a   61.050
_cell.length_b   77.750
_cell.length_c   94.420
_cell.angle_alpha   90.00
_cell.angle_beta   90.00
_cell.angle_gamma   90.00
#
_symmetry.space_group_name_H-M   'P 2 2 21'
#
loop_
_entity.id
_entity.type
_entity.pdbx_description
1 polymer "DNA (5'-D(*AP*GP*AP*AP*AP*GP*CP*CP*AP*TP*TP*AP*GP*AP*G)-3')"
2 polymer "DNA (5'-D(*TP*CP*TP*CP*TP*AP*AP*TP*GP*GP*CP*TP*TP*TP*C)-3')"
3 polymer 'ANTENNAPEDIA HOMEODOMAIN'
4 non-polymer 'NICKEL (II) ION'
5 water water
#
loop_
_entity_poly.entity_id
_entity_poly.type
_entity_poly.pdbx_seq_one_letter_code
_entity_poly.pdbx_strand_id
1 'polydeoxyribonucleotide' (DA)(DG)(DA)(DA)(DA)(DG)(DC)(DC)(DA)(DT)(DT)(DA)(DG)(DA)(DG) C,E
2 'polydeoxyribonucleotide' (DT)(DC)(DT)(DC)(DT)(DA)(DA)(DT)(DG)(DG)(DC)(DT)(DT)(DT)(DC) D,F
3 'polypeptide(L)' MERKRGRQTYTRYQTLELEKEFHFNRYLTRRRRIEIAHALSLTERQIKIWFQNRRMKWKKEN A,B
#
# COMPACT_ATOMS: atom_id res chain seq x y z
N ARG E 7 -3.92 -22.58 -17.77
CA ARG E 7 -4.86 -22.12 -18.79
C ARG E 7 -5.24 -23.18 -19.81
N GLN E 8 -6.53 -23.32 -20.07
CA GLN E 8 -7.02 -24.29 -21.03
C GLN E 8 -7.41 -23.60 -22.36
N THR E 9 -6.97 -24.19 -23.47
CA THR E 9 -7.30 -23.66 -24.80
C THR E 9 -8.58 -24.36 -25.27
N TYR E 10 -9.56 -23.58 -25.69
CA TYR E 10 -10.82 -24.17 -26.15
C TYR E 10 -10.76 -24.61 -27.58
N THR E 11 -11.32 -25.78 -27.85
CA THR E 11 -11.32 -26.33 -29.19
C THR E 11 -12.21 -25.54 -30.11
N ARG E 12 -11.98 -25.70 -31.41
CA ARG E 12 -12.78 -25.02 -32.42
C ARG E 12 -14.26 -25.37 -32.24
N TYR E 13 -14.52 -26.60 -31.81
CA TYR E 13 -15.87 -27.07 -31.58
C TYR E 13 -16.52 -26.40 -30.37
N GLN E 14 -15.79 -26.39 -29.26
CA GLN E 14 -16.26 -25.77 -28.03
C GLN E 14 -16.59 -24.32 -28.30
N THR E 15 -15.66 -23.59 -28.91
CA THR E 15 -15.88 -22.20 -29.24
C THR E 15 -17.06 -21.94 -30.18
N LEU E 16 -17.27 -22.82 -31.14
CA LEU E 16 -18.37 -22.64 -32.08
C LEU E 16 -19.71 -22.84 -31.40
N GLU E 17 -19.81 -23.90 -30.60
CA GLU E 17 -21.04 -24.19 -29.91
C GLU E 17 -21.41 -23.02 -29.00
N LEU E 18 -20.40 -22.46 -28.33
CA LEU E 18 -20.62 -21.33 -27.45
C LEU E 18 -20.99 -20.11 -28.26
N GLU E 19 -20.33 -19.87 -29.38
CA GLU E 19 -20.70 -18.69 -30.14
C GLU E 19 -22.09 -18.80 -30.79
N LYS E 20 -22.49 -20.03 -31.10
CA LYS E 20 -23.79 -20.25 -31.69
C LYS E 20 -24.87 -19.98 -30.64
N GLU E 21 -24.58 -20.34 -29.39
CA GLU E 21 -25.51 -20.10 -28.29
C GLU E 21 -25.63 -18.60 -27.99
N PHE E 22 -24.50 -17.92 -28.01
CA PHE E 22 -24.47 -16.48 -27.76
C PHE E 22 -25.30 -15.72 -28.80
N HIS E 23 -25.46 -16.30 -29.98
CA HIS E 23 -26.23 -15.70 -31.05
C HIS E 23 -27.70 -15.57 -30.62
N PHE E 24 -28.11 -16.43 -29.68
CA PHE E 24 -29.48 -16.42 -29.18
C PHE E 24 -29.65 -15.73 -27.82
N ASN E 25 -28.91 -16.16 -26.81
CA ASN E 25 -28.98 -15.56 -25.47
C ASN E 25 -27.60 -15.06 -25.06
N ARG E 26 -27.50 -13.77 -24.77
CA ARG E 26 -26.22 -13.21 -24.31
C ARG E 26 -26.07 -13.47 -22.82
N TYR E 27 -27.14 -13.97 -22.22
CA TYR E 27 -27.17 -14.34 -20.80
C TYR E 27 -27.73 -15.73 -20.74
N LEU E 28 -27.16 -16.54 -19.86
CA LEU E 28 -27.60 -17.91 -19.70
C LEU E 28 -28.41 -18.15 -18.43
N THR E 29 -29.19 -19.22 -18.44
CA THR E 29 -29.96 -19.57 -17.27
C THR E 29 -29.13 -20.58 -16.56
N ARG E 30 -29.43 -20.83 -15.30
CA ARG E 30 -28.67 -21.82 -14.58
C ARG E 30 -28.88 -23.17 -15.26
N ARG E 31 -30.13 -23.44 -15.64
CA ARG E 31 -30.47 -24.69 -16.31
C ARG E 31 -29.73 -24.88 -17.64
N ARG E 32 -29.64 -23.81 -18.43
CA ARG E 32 -28.95 -23.85 -19.71
C ARG E 32 -27.43 -23.96 -19.52
N ARG E 33 -26.90 -23.24 -18.54
CA ARG E 33 -25.48 -23.25 -18.24
C ARG E 33 -25.00 -24.63 -17.85
N ILE E 34 -25.85 -25.38 -17.17
CA ILE E 34 -25.47 -26.72 -16.77
C ILE E 34 -25.46 -27.68 -17.96
N GLU E 35 -26.38 -27.50 -18.90
CA GLU E 35 -26.47 -28.38 -20.06
C GLU E 35 -25.23 -28.21 -20.94
N ILE E 36 -24.89 -26.95 -21.18
CA ILE E 36 -23.75 -26.61 -22.00
C ILE E 36 -22.43 -27.07 -21.35
N ALA E 37 -22.32 -26.89 -20.05
CA ALA E 37 -21.11 -27.30 -19.33
C ALA E 37 -20.84 -28.79 -19.55
N HIS E 38 -21.90 -29.59 -19.51
CA HIS E 38 -21.80 -31.03 -19.68
C HIS E 38 -21.53 -31.46 -21.12
N ALA E 39 -22.27 -30.87 -22.05
CA ALA E 39 -22.10 -31.20 -23.45
C ALA E 39 -20.73 -30.88 -23.95
N LEU E 40 -20.15 -29.80 -23.44
CA LEU E 40 -18.81 -29.34 -23.86
C LEU E 40 -17.66 -29.75 -22.96
N SER E 41 -17.99 -30.42 -21.85
CA SER E 41 -16.98 -30.88 -20.91
C SER E 41 -16.17 -29.75 -20.27
N LEU E 42 -16.85 -28.65 -19.92
CA LEU E 42 -16.23 -27.52 -19.27
C LEU E 42 -16.96 -27.36 -17.94
N THR E 43 -16.39 -26.60 -17.01
CA THR E 43 -17.07 -26.41 -15.74
C THR E 43 -18.07 -25.26 -15.91
N GLU E 44 -19.03 -25.15 -15.00
CA GLU E 44 -20.00 -24.08 -15.10
C GLU E 44 -19.31 -22.74 -14.94
N ARG E 45 -18.19 -22.76 -14.22
CA ARG E 45 -17.47 -21.51 -14.00
C ARG E 45 -16.87 -21.04 -15.31
N GLN E 46 -16.40 -21.98 -16.13
CA GLN E 46 -15.79 -21.62 -17.40
C GLN E 46 -16.84 -21.08 -18.35
N ILE E 47 -18.04 -21.63 -18.28
CA ILE E 47 -19.13 -21.18 -19.14
C ILE E 47 -19.54 -19.77 -18.69
N LYS E 48 -19.58 -19.57 -17.39
CA LYS E 48 -19.95 -18.27 -16.84
C LYS E 48 -18.93 -17.22 -17.27
N ILE E 49 -17.65 -17.56 -17.17
CA ILE E 49 -16.61 -16.63 -17.54
C ILE E 49 -16.56 -16.38 -19.03
N TRP E 50 -16.78 -17.42 -19.83
CA TRP E 50 -16.77 -17.25 -21.29
C TRP E 50 -17.80 -16.22 -21.70
N PHE E 51 -19.01 -16.31 -21.14
CA PHE E 51 -20.06 -15.35 -21.47
C PHE E 51 -19.76 -13.98 -20.92
N GLN E 52 -19.08 -13.94 -19.77
CA GLN E 52 -18.70 -12.68 -19.15
C GLN E 52 -17.79 -11.95 -20.13
N ASN E 53 -16.77 -12.66 -20.61
CA ASN E 53 -15.80 -12.13 -21.58
C ASN E 53 -16.45 -11.82 -22.92
N ARG E 54 -17.25 -12.74 -23.43
CA ARG E 54 -17.91 -12.54 -24.70
C ARG E 54 -18.79 -11.29 -24.72
N ARG E 55 -19.43 -10.99 -23.60
CA ARG E 55 -20.30 -9.81 -23.52
C ARG E 55 -19.45 -8.54 -23.58
N MET E 56 -18.28 -8.60 -22.95
CA MET E 56 -17.36 -7.46 -22.93
C MET E 56 -16.84 -7.18 -24.32
N LYS E 57 -16.50 -8.23 -25.04
CA LYS E 57 -16.00 -8.10 -26.40
C LYS E 57 -17.08 -7.46 -27.27
N TRP E 58 -18.30 -7.92 -27.09
CA TRP E 58 -19.47 -7.47 -27.83
C TRP E 58 -19.79 -5.96 -27.70
N LYS E 59 -19.69 -5.42 -26.48
CA LYS E 59 -19.99 -4.00 -26.26
C LYS E 59 -18.93 -3.09 -26.89
N LYS E 60 -17.71 -3.62 -26.98
CA LYS E 60 -16.58 -2.89 -27.55
C LYS E 60 -16.33 -3.26 -29.01
N GLU E 61 -17.07 -4.22 -29.53
CA GLU E 61 -16.85 -4.69 -30.91
C GLU E 61 -18.13 -4.59 -31.74
N ASN E 62 -19.07 -3.77 -31.30
CA ASN E 62 -20.34 -3.62 -32.01
C ASN E 62 -20.98 -2.27 -31.69
N ARG F 7 9.28 6.12 27.07
CA ARG F 7 9.51 7.56 27.02
C ARG F 7 10.15 8.11 28.32
N GLN F 8 11.35 8.66 28.18
CA GLN F 8 12.05 9.25 29.31
C GLN F 8 11.72 10.73 29.36
N THR F 9 11.25 11.19 30.51
CA THR F 9 10.94 12.59 30.65
C THR F 9 12.16 13.24 31.31
N TYR F 10 12.68 14.28 30.65
CA TYR F 10 13.88 14.96 31.11
C TYR F 10 13.66 15.90 32.29
N THR F 11 14.69 16.02 33.12
CA THR F 11 14.62 16.89 34.29
C THR F 11 14.69 18.37 33.95
N ARG F 12 14.29 19.17 34.92
CA ARG F 12 14.29 20.61 34.83
C ARG F 12 15.71 21.06 34.48
N TYR F 13 16.69 20.39 35.10
CA TYR F 13 18.09 20.71 34.87
C TYR F 13 18.53 20.36 33.45
N GLN F 14 18.28 19.12 33.03
CA GLN F 14 18.66 18.65 31.70
C GLN F 14 18.06 19.55 30.65
N THR F 15 16.80 19.89 30.84
CA THR F 15 16.10 20.75 29.92
C THR F 15 16.67 22.17 29.90
N LEU F 16 17.17 22.64 31.05
CA LEU F 16 17.70 23.99 31.12
C LEU F 16 19.05 24.10 30.42
N GLU F 17 19.88 23.08 30.60
CA GLU F 17 21.19 23.05 29.99
C GLU F 17 21.08 22.99 28.49
N LEU F 18 20.13 22.20 27.99
CA LEU F 18 19.90 22.06 26.57
C LEU F 18 19.46 23.37 25.93
N GLU F 19 18.56 24.09 26.59
CA GLU F 19 18.08 25.36 26.05
C GLU F 19 19.21 26.39 26.06
N LYS F 20 20.02 26.35 27.10
CA LYS F 20 21.15 27.26 27.24
C LYS F 20 22.10 27.07 26.06
N GLU F 21 22.37 25.82 25.71
CA GLU F 21 23.27 25.51 24.61
C GLU F 21 22.68 25.91 23.26
N PHE F 22 21.40 25.61 23.07
CA PHE F 22 20.69 25.95 21.83
C PHE F 22 20.75 27.43 21.55
N HIS F 23 20.83 28.21 22.61
CA HIS F 23 20.85 29.66 22.51
C HIS F 23 22.09 30.12 21.77
N PHE F 24 23.17 29.38 21.95
CA PHE F 24 24.44 29.71 21.33
C PHE F 24 24.70 28.88 20.06
N ASN F 25 24.31 27.61 20.06
CA ASN F 25 24.53 26.75 18.90
C ASN F 25 23.29 25.97 18.58
N ARG F 26 22.76 26.12 17.39
CA ARG F 26 21.56 25.37 17.02
C ARG F 26 21.89 24.03 16.42
N TYR F 27 23.15 23.91 16.03
CA TYR F 27 23.68 22.68 15.45
C TYR F 27 24.91 22.34 16.25
N LEU F 28 25.08 21.04 16.50
CA LEU F 28 26.22 20.60 17.27
C LEU F 28 27.24 19.82 16.44
N THR F 29 28.46 19.79 16.94
CA THR F 29 29.54 19.06 16.32
C THR F 29 29.53 17.76 17.12
N ARG F 30 29.98 16.66 16.53
CA ARG F 30 29.95 15.44 17.32
C ARG F 30 30.76 15.68 18.56
N ARG F 31 31.74 16.56 18.44
CA ARG F 31 32.57 16.84 19.59
C ARG F 31 31.82 17.52 20.73
N ARG F 32 30.97 18.50 20.45
CA ARG F 32 30.22 19.13 21.53
C ARG F 32 29.10 18.21 22.01
N ARG F 33 28.57 17.39 21.11
CA ARG F 33 27.48 16.48 21.46
C ARG F 33 27.86 15.45 22.51
N ILE F 34 29.10 14.96 22.42
CA ILE F 34 29.63 13.99 23.36
C ILE F 34 29.77 14.61 24.75
N GLU F 35 30.21 15.86 24.81
CA GLU F 35 30.38 16.59 26.07
C GLU F 35 29.04 16.71 26.75
N ILE F 36 28.05 17.14 25.98
CA ILE F 36 26.70 17.32 26.50
C ILE F 36 26.12 16.01 26.97
N ALA F 37 26.28 14.95 26.17
CA ALA F 37 25.75 13.65 26.55
C ALA F 37 26.36 13.20 27.87
N HIS F 38 27.68 13.34 27.97
CA HIS F 38 28.39 12.94 29.19
C HIS F 38 28.00 13.81 30.39
N ALA F 39 27.75 15.10 30.15
CA ALA F 39 27.39 16.01 31.20
C ALA F 39 25.97 15.86 31.75
N LEU F 40 25.02 15.51 30.89
CA LEU F 40 23.61 15.37 31.32
C LEU F 40 23.13 13.94 31.54
N SER F 41 23.96 12.96 31.21
CA SER F 41 23.62 11.55 31.36
C SER F 41 22.50 11.12 30.41
N LEU F 42 22.64 11.55 29.17
CA LEU F 42 21.71 11.23 28.09
C LEU F 42 22.60 10.70 26.98
N THR F 43 22.02 9.93 26.05
CA THR F 43 22.82 9.38 24.95
C THR F 43 23.01 10.41 23.85
N GLU F 44 24.01 10.19 23.00
CA GLU F 44 24.26 11.09 21.89
C GLU F 44 23.02 11.16 21.01
N ARG F 45 22.32 10.03 20.90
CA ARG F 45 21.11 9.93 20.08
C ARG F 45 20.01 10.84 20.65
N GLN F 46 19.82 10.79 21.96
CA GLN F 46 18.82 11.61 22.65
C GLN F 46 19.13 13.08 22.45
N ILE F 47 20.43 13.42 22.41
CA ILE F 47 20.86 14.80 22.23
C ILE F 47 20.58 15.23 20.80
N LYS F 48 20.95 14.38 19.85
CA LYS F 48 20.73 14.67 18.44
C LYS F 48 19.25 14.88 18.14
N ILE F 49 18.40 14.06 18.75
CA ILE F 49 16.97 14.15 18.54
C ILE F 49 16.38 15.40 19.19
N TRP F 50 16.85 15.74 20.40
CA TRP F 50 16.37 16.93 21.09
C TRP F 50 16.59 18.18 20.27
N PHE F 51 17.78 18.30 19.68
CA PHE F 51 18.14 19.49 18.88
C PHE F 51 17.39 19.61 17.59
N GLN F 52 17.00 18.42 17.14
CA GLN F 52 16.27 18.25 15.90
CA GLN F 52 16.30 18.26 15.91
C GLN F 52 14.84 18.67 16.12
N ASN F 53 14.29 18.20 17.22
CA ASN F 53 12.94 18.51 17.58
C ASN F 53 12.90 19.98 17.97
N ARG F 54 13.93 20.45 18.67
CA ARG F 54 13.99 21.83 19.09
C ARG F 54 14.07 22.77 17.90
N ARG F 55 14.80 22.36 16.87
CA ARG F 55 14.92 23.18 15.68
C ARG F 55 13.57 23.29 14.96
N MET F 56 12.76 22.26 15.06
CA MET F 56 11.45 22.25 14.44
C MET F 56 10.52 23.19 15.19
N LYS F 57 10.58 23.12 16.52
CA LYS F 57 9.76 23.96 17.38
C LYS F 57 10.06 25.44 17.14
N TRP F 58 11.28 25.70 16.70
CA TRP F 58 11.75 27.05 16.46
C TRP F 58 11.26 27.73 15.19
N LYS F 59 11.06 26.93 14.15
CA LYS F 59 10.58 27.44 12.88
C LYS F 59 9.07 27.66 12.99
N LYS F 60 8.44 26.94 13.92
CA LYS F 60 7.02 27.11 14.17
C LYS F 60 6.81 28.41 14.96
N GLU F 61 7.82 28.81 15.74
CA GLU F 61 7.74 30.04 16.51
C GLU F 61 8.48 31.16 15.77
N ASN F 62 8.83 30.88 14.52
CA ASN F 62 9.54 31.79 13.63
C ASN F 62 10.60 32.61 14.36
#